data_7BZ6
#
_entry.id   7BZ6
#
_cell.length_a   137.554
_cell.length_b   137.554
_cell.length_c   96.842
_cell.angle_alpha   90.000
_cell.angle_beta   90.000
_cell.angle_gamma   120.000
#
_symmetry.space_group_name_H-M   'P 6 2 2'
#
_entity_poly.entity_id   1
_entity_poly.type   'polypeptide(L)'
_entity_poly.pdbx_seq_one_letter_code
;HHHHHHMPLLTIGDQFPAYQLTALIGGDLSKVDAKQPGDYFTTITSDEHPGKWRVVFFWPKDFTFVCPTEIADFSKLNDE
FEDRDAQILGVSIDSEFAHFQWRAQHNDLKTLPFPMLSDIKRELSQAAGVLNADGVADRVTFIVDPNNEIQFVSATAGSV
GRNVDEVLRVLDALQSDELCASNWRKGDPTLDAGELLKASA
;
_entity_poly.pdbx_strand_id   A,B
#
# COMPACT_ATOMS: atom_id res chain seq x y z
N MET A 7 10.22 -16.07 -4.46
CA MET A 7 8.79 -16.08 -4.08
C MET A 7 8.37 -15.23 -2.86
N PRO A 8 9.33 -14.61 -2.11
CA PRO A 8 8.92 -13.87 -0.91
C PRO A 8 8.75 -12.38 -1.14
N LEU A 9 7.66 -11.79 -0.63
CA LEU A 9 7.45 -10.36 -0.73
C LEU A 9 8.07 -9.62 0.45
N LEU A 10 8.91 -8.64 0.15
CA LEU A 10 9.53 -7.81 1.18
C LEU A 10 8.51 -6.88 1.81
N THR A 11 8.71 -6.57 3.09
CA THR A 11 7.82 -5.69 3.84
C THR A 11 8.67 -4.61 4.50
N ILE A 12 8.04 -3.77 5.32
CA ILE A 12 8.77 -2.70 5.99
C ILE A 12 9.89 -3.30 6.83
N GLY A 13 11.07 -2.67 6.77
CA GLY A 13 12.22 -3.10 7.54
C GLY A 13 13.15 -4.04 6.81
N ASP A 14 12.69 -4.67 5.73
CA ASP A 14 13.52 -5.56 4.96
C ASP A 14 14.52 -4.76 4.12
N GLN A 15 15.69 -5.34 3.90
CA GLN A 15 16.63 -4.75 2.97
C GLN A 15 16.10 -4.89 1.54
N PHE A 16 16.05 -3.78 0.82
CA PHE A 16 15.67 -3.85 -0.57
C PHE A 16 16.75 -4.58 -1.36
N PRO A 17 16.38 -5.38 -2.37
CA PRO A 17 17.38 -6.18 -3.08
C PRO A 17 18.41 -5.31 -3.78
N ALA A 18 19.60 -5.86 -3.92
CA ALA A 18 20.58 -5.31 -4.84
C ALA A 18 20.05 -5.47 -6.27
N TYR A 19 20.55 -4.63 -7.16
CA TYR A 19 20.11 -4.68 -8.54
C TYR A 19 21.13 -4.01 -9.44
N GLN A 20 21.06 -4.38 -10.73
CA GLN A 20 21.91 -3.78 -11.77
C GLN A 20 21.16 -3.96 -13.09
N LEU A 21 20.54 -2.89 -13.58
CA LEU A 21 19.64 -3.02 -14.72
C LEU A 21 19.84 -1.89 -15.72
N THR A 22 19.65 -2.22 -16.99
CA THR A 22 19.58 -1.21 -18.05
C THR A 22 18.30 -0.39 -17.87
N ALA A 23 18.43 0.94 -18.04
CA ALA A 23 17.34 1.87 -17.84
C ALA A 23 17.29 2.91 -18.94
N LEU A 24 16.07 3.30 -19.30
CA LEU A 24 15.84 4.49 -20.10
C LEU A 24 15.92 5.73 -19.21
N ILE A 25 16.72 6.70 -19.64
CA ILE A 25 16.97 7.88 -18.83
C ILE A 25 15.69 8.69 -18.57
N GLY A 26 15.68 9.40 -17.43
CA GLY A 26 14.67 10.40 -17.15
C GLY A 26 14.97 11.71 -17.86
N GLY A 27 14.01 12.63 -17.80
CA GLY A 27 14.19 13.97 -18.32
C GLY A 27 13.62 14.14 -19.71
N ASP A 28 13.72 15.37 -20.21
CA ASP A 28 13.22 15.67 -21.55
C ASP A 28 13.87 14.71 -22.54
N LEU A 29 13.05 13.83 -23.12
CA LEU A 29 13.57 12.76 -23.97
C LEU A 29 14.07 13.29 -25.32
N SER A 30 13.44 14.33 -25.86
CA SER A 30 13.87 14.87 -27.15
C SER A 30 15.17 15.65 -27.04
N LYS A 31 15.56 16.02 -25.81
CA LYS A 31 16.73 16.84 -25.53
C LYS A 31 17.97 15.98 -25.34
N VAL A 32 18.34 15.21 -26.36
CA VAL A 32 19.47 14.29 -26.23
C VAL A 32 20.17 14.09 -27.56
N ASP A 33 21.50 14.07 -27.50
CA ASP A 33 22.36 13.82 -28.65
C ASP A 33 22.24 12.38 -29.13
N ALA A 34 22.16 12.20 -30.45
CA ALA A 34 22.09 10.87 -31.06
C ALA A 34 23.48 10.32 -31.36
N LYS A 35 24.42 10.43 -30.42
CA LYS A 35 25.78 9.98 -30.68
C LYS A 35 25.87 8.46 -30.70
N GLN A 36 25.09 7.79 -29.87
CA GLN A 36 24.95 6.34 -29.90
C GLN A 36 23.54 6.01 -29.45
N PRO A 37 23.00 4.86 -29.84
CA PRO A 37 21.74 4.42 -29.23
C PRO A 37 21.87 4.42 -27.71
N GLY A 38 23.04 3.98 -27.22
CA GLY A 38 23.30 3.88 -25.80
C GLY A 38 23.31 5.20 -25.08
N ASP A 39 23.32 6.32 -25.81
CA ASP A 39 23.19 7.60 -25.14
C ASP A 39 21.82 7.74 -24.49
N TYR A 40 20.81 7.00 -24.96
CA TYR A 40 19.50 7.02 -24.33
C TYR A 40 19.40 6.09 -23.12
N PHE A 41 20.43 5.27 -22.85
CA PHE A 41 20.34 4.22 -21.85
C PHE A 41 21.49 4.32 -20.86
N THR A 42 21.26 3.75 -19.68
CA THR A 42 22.30 3.69 -18.65
C THR A 42 22.12 2.41 -17.83
N THR A 43 23.16 2.06 -17.07
CA THR A 43 23.05 1.00 -16.07
C THR A 43 22.85 1.62 -14.69
N ILE A 44 21.90 1.07 -13.93
CA ILE A 44 21.57 1.58 -12.60
C ILE A 44 21.71 0.47 -11.57
N THR A 45 22.37 0.78 -10.45
CA THR A 45 22.62 -0.16 -9.36
C THR A 45 22.07 0.36 -8.04
N SER A 46 21.96 -0.56 -7.07
CA SER A 46 21.56 -0.21 -5.71
C SER A 46 22.60 0.65 -4.98
N ASP A 47 23.80 0.79 -5.53
CA ASP A 47 24.84 1.59 -4.91
C ASP A 47 24.97 2.97 -5.52
N GLU A 48 24.05 3.34 -6.41
CA GLU A 48 24.30 4.48 -7.27
C GLU A 48 24.05 5.82 -6.59
N HIS A 49 23.14 5.89 -5.63
CA HIS A 49 22.81 7.14 -4.94
C HIS A 49 22.89 6.96 -3.42
N PRO A 50 24.11 6.99 -2.88
CA PRO A 50 24.27 6.94 -1.42
C PRO A 50 23.65 8.15 -0.76
N GLY A 51 22.91 7.90 0.31
CA GLY A 51 22.28 8.96 1.06
C GLY A 51 20.90 9.35 0.58
N LYS A 52 20.42 8.76 -0.50
CA LYS A 52 19.10 9.07 -1.03
C LYS A 52 18.07 8.04 -0.59
N TRP A 53 16.85 8.49 -0.41
CA TRP A 53 15.69 7.60 -0.38
C TRP A 53 15.37 7.19 -1.81
N ARG A 54 14.89 5.96 -1.97
CA ARG A 54 14.54 5.42 -3.28
C ARG A 54 13.06 5.05 -3.33
N VAL A 55 12.35 5.59 -4.31
CA VAL A 55 10.93 5.32 -4.49
C VAL A 55 10.76 4.46 -5.74
N VAL A 56 10.37 3.21 -5.56
CA VAL A 56 10.34 2.22 -6.63
C VAL A 56 8.90 1.92 -7.02
N PHE A 57 8.58 2.09 -8.29
CA PHE A 57 7.28 1.75 -8.85
C PHE A 57 7.40 0.59 -9.82
N PHE A 58 6.77 -0.53 -9.50
CA PHE A 58 6.60 -1.65 -10.41
C PHE A 58 5.23 -1.60 -11.07
N TRP A 59 5.17 -1.91 -12.36
CA TRP A 59 3.90 -2.15 -13.04
C TRP A 59 4.06 -3.36 -13.95
N PRO A 60 2.94 -4.00 -14.32
CA PRO A 60 3.03 -5.21 -15.15
C PRO A 60 3.61 -4.93 -16.52
N LYS A 61 2.95 -4.09 -17.31
CA LYS A 61 3.32 -3.90 -18.70
C LYS A 61 3.19 -2.45 -19.13
N ASP A 62 4.23 -1.96 -19.77
CA ASP A 62 4.16 -0.74 -20.55
C ASP A 62 3.13 -0.87 -21.66
N PHE A 63 2.73 0.27 -22.19
CA PHE A 63 1.78 0.43 -23.30
C PHE A 63 0.35 0.18 -22.84
N THR A 64 0.11 0.11 -21.54
CA THR A 64 -1.23 0.06 -20.98
C THR A 64 -1.65 1.48 -20.64
N PHE A 65 -2.95 1.74 -20.73
CA PHE A 65 -3.44 3.08 -20.43
C PHE A 65 -3.09 3.47 -19.01
N VAL A 66 -2.44 4.64 -18.85
CA VAL A 66 -2.14 5.19 -17.54
C VAL A 66 -2.74 6.59 -17.47
N CYS A 67 -3.14 7.00 -16.26
CA CYS A 67 -3.93 8.22 -16.10
C CYS A 67 -3.03 9.45 -16.17
N PRO A 68 -3.41 10.49 -16.91
CA PRO A 68 -2.55 11.67 -17.00
C PRO A 68 -2.40 12.46 -15.71
N THR A 69 -3.49 12.66 -14.94
CA THR A 69 -3.37 13.46 -13.73
C THR A 69 -2.32 12.87 -12.80
N GLU A 70 -2.24 11.53 -12.77
CA GLU A 70 -1.23 10.86 -11.98
C GLU A 70 0.16 11.11 -12.54
N ILE A 71 0.24 11.41 -13.84
CA ILE A 71 1.52 11.60 -14.53
C ILE A 71 2.06 13.01 -14.35
N ALA A 72 1.21 14.03 -14.43
CA ALA A 72 1.68 15.42 -14.36
C ALA A 72 2.65 15.62 -13.19
N ASP A 73 2.18 15.50 -11.96
CA ASP A 73 3.04 14.99 -10.90
C ASP A 73 3.07 13.49 -11.13
N PHE A 74 4.22 12.88 -11.45
CA PHE A 74 5.57 13.25 -11.12
C PHE A 74 6.17 14.60 -11.50
N SER A 75 5.93 15.08 -12.71
CA SER A 75 6.72 16.18 -13.23
C SER A 75 6.57 17.48 -12.45
N LYS A 76 5.40 17.78 -11.89
CA LYS A 76 5.32 18.98 -11.06
C LYS A 76 5.93 18.75 -9.68
N LEU A 77 5.84 17.52 -9.17
CA LEU A 77 6.30 17.18 -7.84
C LEU A 77 7.69 16.58 -7.81
N ASN A 78 8.28 16.25 -8.95
CA ASN A 78 9.61 15.67 -8.97
C ASN A 78 10.60 16.54 -8.19
N ASP A 79 10.44 17.86 -8.29
CA ASP A 79 11.28 18.76 -7.52
C ASP A 79 11.11 18.54 -6.02
N GLU A 80 9.88 18.27 -5.57
CA GLU A 80 9.62 18.10 -4.15
C GLU A 80 10.29 16.82 -3.63
N PHE A 81 10.24 15.74 -4.40
CA PHE A 81 10.96 14.53 -4.04
C PHE A 81 12.45 14.79 -4.01
N GLU A 82 12.96 15.42 -5.07
CA GLU A 82 14.39 15.67 -5.19
C GLU A 82 14.93 16.51 -4.03
N ASP A 83 14.21 17.57 -3.67
CA ASP A 83 14.68 18.47 -2.61
C ASP A 83 15.04 17.74 -1.32
N ARG A 84 14.39 16.62 -1.01
CA ARG A 84 14.65 15.88 0.21
C ARG A 84 15.39 14.57 -0.04
N ASP A 85 16.25 14.54 -1.05
CA ASP A 85 17.12 13.40 -1.33
C ASP A 85 16.33 12.12 -1.64
N ALA A 86 15.29 12.24 -2.46
CA ALA A 86 14.49 11.11 -2.89
C ALA A 86 14.61 10.94 -4.40
N GLN A 87 14.93 9.73 -4.84
CA GLN A 87 15.08 9.38 -6.23
C GLN A 87 13.95 8.46 -6.67
N ILE A 88 13.21 8.88 -7.69
CA ILE A 88 12.14 8.07 -8.28
C ILE A 88 12.73 7.06 -9.25
N LEU A 89 12.19 5.84 -9.24
CA LEU A 89 12.61 4.76 -10.11
C LEU A 89 11.40 3.98 -10.61
N GLY A 90 11.29 3.81 -11.92
CA GLY A 90 10.26 3.00 -12.52
C GLY A 90 10.78 1.65 -13.01
N VAL A 91 9.91 0.63 -12.98
CA VAL A 91 10.31 -0.74 -13.30
C VAL A 91 9.16 -1.48 -14.00
N SER A 92 9.48 -2.13 -15.11
CA SER A 92 8.70 -3.25 -15.60
C SER A 92 9.69 -4.28 -16.17
N ILE A 93 9.17 -5.46 -16.54
CA ILE A 93 10.05 -6.46 -17.12
C ILE A 93 10.21 -6.26 -18.62
N ASP A 94 9.46 -5.35 -19.22
CA ASP A 94 9.61 -5.05 -20.63
C ASP A 94 11.04 -4.58 -20.91
N SER A 95 11.44 -4.69 -22.17
CA SER A 95 12.80 -4.32 -22.52
C SER A 95 12.97 -2.80 -22.46
N GLU A 96 14.23 -2.37 -22.37
CA GLU A 96 14.53 -0.94 -22.35
C GLU A 96 14.07 -0.26 -23.63
N PHE A 97 14.04 -1.00 -24.74
CA PHE A 97 13.54 -0.45 -25.99
C PHE A 97 12.03 -0.22 -25.90
N ALA A 98 11.33 -1.04 -25.12
CA ALA A 98 9.92 -0.79 -24.88
C ALA A 98 9.71 0.46 -24.04
N HIS A 99 10.53 0.66 -23.00
CA HIS A 99 10.49 1.92 -22.26
C HIS A 99 10.72 3.09 -23.20
N PHE A 100 11.77 2.98 -24.03
CA PHE A 100 12.05 4.01 -25.02
C PHE A 100 10.84 4.29 -25.89
N GLN A 101 10.22 3.24 -26.44
CA GLN A 101 9.08 3.44 -27.33
C GLN A 101 7.92 4.11 -26.61
N TRP A 102 7.59 3.64 -25.40
CA TRP A 102 6.49 4.20 -24.65
C TRP A 102 6.73 5.67 -24.37
N ARG A 103 7.95 6.02 -23.98
CA ARG A 103 8.27 7.41 -23.67
C ARG A 103 8.46 8.26 -24.91
N ALA A 104 8.73 7.65 -26.05
CA ALA A 104 9.01 8.36 -27.28
C ALA A 104 7.77 8.70 -28.09
N GLN A 105 6.71 7.89 -27.97
CA GLN A 105 5.55 8.07 -28.84
C GLN A 105 4.31 8.61 -28.15
N HIS A 106 4.25 8.57 -26.82
CA HIS A 106 3.08 9.06 -26.09
C HIS A 106 3.43 10.39 -25.42
N ASN A 107 2.75 11.45 -25.86
CA ASN A 107 3.11 12.81 -25.51
C ASN A 107 3.27 12.99 -24.00
N ASP A 108 2.42 12.35 -23.20
CA ASP A 108 2.49 12.49 -21.75
C ASP A 108 3.86 12.07 -21.21
N LEU A 109 4.44 11.03 -21.79
CA LEU A 109 5.69 10.46 -21.31
C LEU A 109 6.94 11.15 -21.87
N LYS A 110 6.76 12.04 -22.84
CA LYS A 110 7.90 12.70 -23.49
C LYS A 110 8.81 13.40 -22.48
N THR A 111 8.25 13.89 -21.38
CA THR A 111 9.00 14.71 -20.44
C THR A 111 9.17 14.03 -19.08
N LEU A 112 8.87 12.74 -18.99
CA LEU A 112 9.03 11.99 -17.75
C LEU A 112 10.41 12.23 -17.14
N PRO A 113 10.50 12.75 -15.92
CA PRO A 113 11.79 13.19 -15.38
C PRO A 113 12.66 12.14 -14.71
N PHE A 114 12.24 10.88 -14.63
CA PHE A 114 13.00 9.86 -13.93
C PHE A 114 13.27 8.66 -14.82
N PRO A 115 14.20 7.79 -14.42
CA PRO A 115 14.58 6.66 -15.28
C PRO A 115 13.58 5.52 -15.24
N MET A 116 13.58 4.73 -16.31
CA MET A 116 12.74 3.55 -16.45
C MET A 116 13.61 2.31 -16.58
N LEU A 117 13.62 1.46 -15.56
CA LEU A 117 14.46 0.27 -15.57
C LEU A 117 13.76 -0.93 -16.22
N SER A 118 14.54 -1.70 -16.97
CA SER A 118 14.06 -2.91 -17.64
C SER A 118 14.55 -4.14 -16.89
N ASP A 119 13.64 -4.82 -16.19
CA ASP A 119 13.96 -6.05 -15.45
C ASP A 119 13.66 -7.27 -16.32
N ILE A 120 14.40 -7.40 -17.41
CA ILE A 120 13.99 -8.36 -18.45
C ILE A 120 14.16 -9.81 -18.02
N LYS A 121 15.16 -10.12 -17.18
CA LYS A 121 15.24 -11.49 -16.69
C LYS A 121 14.29 -11.73 -15.52
N ARG A 122 13.66 -10.68 -15.01
CA ARG A 122 12.70 -10.76 -13.91
C ARG A 122 13.35 -11.14 -12.60
N GLU A 123 14.67 -10.96 -12.48
CA GLU A 123 15.36 -11.33 -11.26
C GLU A 123 15.02 -10.39 -10.11
N LEU A 124 14.87 -9.11 -10.40
CA LEU A 124 14.52 -8.15 -9.35
C LEU A 124 13.06 -8.31 -8.93
N SER A 125 12.16 -8.41 -9.90
CA SER A 125 10.77 -8.69 -9.57
C SER A 125 10.67 -9.92 -8.68
N GLN A 126 11.48 -10.94 -8.97
CA GLN A 126 11.54 -12.12 -8.12
C GLN A 126 12.03 -11.76 -6.72
N ALA A 127 13.14 -11.02 -6.65
CA ALA A 127 13.78 -10.75 -5.36
C ALA A 127 12.91 -9.89 -4.46
N ALA A 128 12.14 -8.96 -5.04
CA ALA A 128 11.24 -8.14 -4.27
C ALA A 128 9.95 -8.87 -3.90
N GLY A 129 9.68 -10.01 -4.54
CA GLY A 129 8.47 -10.74 -4.28
C GLY A 129 7.26 -10.22 -5.01
N VAL A 130 7.46 -9.47 -6.09
CA VAL A 130 6.37 -8.78 -6.76
C VAL A 130 5.96 -9.48 -8.05
N LEU A 131 6.77 -10.41 -8.55
CA LEU A 131 6.39 -11.14 -9.75
C LEU A 131 5.20 -12.04 -9.42
N ASN A 132 4.16 -11.95 -10.24
CA ASN A 132 2.89 -12.60 -9.95
C ASN A 132 2.66 -13.80 -10.87
N ALA A 133 1.49 -14.43 -10.70
CA ALA A 133 1.15 -15.65 -11.42
C ALA A 133 0.98 -15.43 -12.91
N ASP A 134 0.77 -14.19 -13.34
CA ASP A 134 0.74 -13.89 -14.76
C ASP A 134 2.13 -13.71 -15.35
N GLY A 135 3.17 -13.77 -14.52
CA GLY A 135 4.53 -13.66 -15.01
C GLY A 135 5.08 -12.27 -15.03
N VAL A 136 4.44 -11.33 -14.33
CA VAL A 136 4.81 -9.92 -14.37
C VAL A 136 4.93 -9.37 -12.97
N ALA A 137 5.55 -8.19 -12.87
CA ALA A 137 5.66 -7.49 -11.61
C ALA A 137 4.29 -6.97 -11.20
N ASP A 138 3.93 -7.17 -9.93
CA ASP A 138 2.70 -6.57 -9.44
C ASP A 138 2.81 -5.05 -9.50
N ARG A 139 1.66 -4.40 -9.50
CA ARG A 139 1.60 -2.95 -9.36
C ARG A 139 2.00 -2.57 -7.94
N VAL A 140 3.27 -2.26 -7.72
CA VAL A 140 3.80 -2.15 -6.37
C VAL A 140 4.60 -0.86 -6.20
N THR A 141 4.48 -0.26 -5.03
CA THR A 141 5.36 0.86 -4.67
C THR A 141 6.16 0.51 -3.42
N PHE A 142 7.44 0.84 -3.45
CA PHE A 142 8.33 0.73 -2.30
C PHE A 142 8.93 2.10 -1.99
N ILE A 143 9.12 2.38 -0.70
CA ILE A 143 9.98 3.47 -0.26
C ILE A 143 11.13 2.86 0.52
N VAL A 144 12.36 3.22 0.14
CA VAL A 144 13.57 2.69 0.73
C VAL A 144 14.38 3.82 1.32
N ASP A 145 14.78 3.69 2.58
CA ASP A 145 15.53 4.73 3.26
C ASP A 145 17.01 4.65 2.88
N PRO A 146 17.81 5.64 3.29
CA PRO A 146 19.23 5.64 2.93
C PRO A 146 20.01 4.41 3.41
N ASN A 147 19.46 3.61 4.31
CA ASN A 147 20.11 2.36 4.73
C ASN A 147 19.68 1.17 3.87
N ASN A 148 18.98 1.42 2.77
CA ASN A 148 18.47 0.37 1.89
C ASN A 148 17.34 -0.40 2.55
N GLU A 149 16.71 0.22 3.55
CA GLU A 149 15.68 -0.41 4.37
C GLU A 149 14.31 0.07 3.91
N ILE A 150 13.40 -0.88 3.71
CA ILE A 150 12.05 -0.53 3.27
C ILE A 150 11.28 0.07 4.44
N GLN A 151 10.68 1.23 4.20
CA GLN A 151 9.82 1.90 5.16
C GLN A 151 8.36 1.94 4.71
N PHE A 152 8.08 1.52 3.49
CA PHE A 152 6.71 1.51 2.97
C PHE A 152 6.64 0.58 1.77
N VAL A 153 5.56 -0.19 1.69
CA VAL A 153 5.28 -1.00 0.52
C VAL A 153 3.78 -0.98 0.25
N SER A 154 3.44 -0.94 -1.04
CA SER A 154 2.04 -0.93 -1.47
C SER A 154 1.89 -1.80 -2.71
N ALA A 155 0.87 -2.65 -2.72
CA ALA A 155 0.59 -3.56 -3.82
C ALA A 155 -0.88 -3.47 -4.20
N THR A 156 -1.16 -3.53 -5.50
CA THR A 156 -2.54 -3.38 -5.96
C THR A 156 -2.86 -4.40 -7.04
N ALA A 157 -4.09 -4.90 -7.00
CA ALA A 157 -4.60 -5.81 -8.00
C ALA A 157 -5.01 -5.04 -9.26
N GLY A 158 -5.16 -5.79 -10.35
CA GLY A 158 -5.91 -5.29 -11.49
C GLY A 158 -5.23 -4.10 -12.13
N SER A 159 -6.03 -3.07 -12.40
CA SER A 159 -5.57 -1.86 -13.09
C SER A 159 -6.01 -0.62 -12.33
N VAL A 160 -5.71 -0.59 -11.03
CA VAL A 160 -6.03 0.56 -10.20
C VAL A 160 -4.94 1.61 -10.39
N GLY A 161 -5.35 2.85 -10.66
CA GLY A 161 -4.39 3.92 -10.79
C GLY A 161 -3.74 4.24 -9.45
N ARG A 162 -2.46 4.60 -9.51
CA ARG A 162 -1.69 4.96 -8.33
C ARG A 162 -1.86 6.43 -7.97
N ASN A 163 -1.78 6.72 -6.66
CA ASN A 163 -1.84 8.08 -6.15
C ASN A 163 -0.43 8.52 -5.75
N VAL A 164 0.20 9.34 -6.60
CA VAL A 164 1.56 9.78 -6.31
C VAL A 164 1.55 10.79 -5.16
N ASP A 165 0.51 11.61 -5.07
CA ASP A 165 0.47 12.63 -4.02
C ASP A 165 0.44 11.98 -2.65
N GLU A 166 -0.31 10.89 -2.51
CA GLU A 166 -0.30 10.13 -1.26
C GLU A 166 1.11 9.68 -0.90
N VAL A 167 1.87 9.15 -1.86
CA VAL A 167 3.20 8.67 -1.54
C VAL A 167 4.11 9.82 -1.16
N LEU A 168 3.98 10.96 -1.83
CA LEU A 168 4.74 12.13 -1.39
C LEU A 168 4.39 12.46 0.04
N ARG A 169 3.10 12.44 0.36
CA ARG A 169 2.63 12.71 1.72
C ARG A 169 3.34 11.77 2.69
N VAL A 170 3.33 10.48 2.37
CA VAL A 170 3.92 9.47 3.23
C VAL A 170 5.41 9.70 3.41
N LEU A 171 6.12 9.94 2.31
CA LEU A 171 7.56 10.21 2.40
C LEU A 171 7.83 11.40 3.30
N ASP A 172 7.14 12.52 3.07
CA ASP A 172 7.33 13.71 3.89
C ASP A 172 7.08 13.39 5.36
N ALA A 173 6.00 12.65 5.66
CA ALA A 173 5.71 12.28 7.04
C ALA A 173 6.79 11.37 7.61
N LEU A 174 7.31 10.45 6.78
CA LEU A 174 8.39 9.55 7.22
C LEU A 174 9.62 10.36 7.58
N GLN A 175 9.86 11.44 6.85
CA GLN A 175 10.94 12.36 7.14
C GLN A 175 10.54 13.39 8.17
N SER A 176 9.25 13.46 8.49
CA SER A 176 8.67 14.43 9.42
C SER A 176 8.64 15.83 8.82
N MET B 7 5.45 -16.64 9.49
CA MET B 7 6.34 -15.47 9.21
C MET B 7 6.33 -14.92 7.76
N PRO B 8 5.39 -15.35 6.87
CA PRO B 8 5.39 -14.78 5.52
C PRO B 8 4.33 -13.71 5.32
N LEU B 9 4.58 -12.72 4.45
CA LEU B 9 3.59 -11.67 4.21
C LEU B 9 2.85 -11.92 2.90
N LEU B 10 1.54 -11.66 2.92
CA LEU B 10 0.66 -12.00 1.81
C LEU B 10 0.52 -10.82 0.83
N THR B 11 0.33 -11.16 -0.44
CA THR B 11 0.25 -10.14 -1.49
C THR B 11 -0.99 -10.29 -2.36
N ILE B 12 -1.03 -9.51 -3.45
CA ILE B 12 -2.18 -9.53 -4.34
C ILE B 12 -2.47 -10.94 -4.81
N GLY B 13 -3.74 -11.32 -4.77
CA GLY B 13 -4.17 -12.62 -5.26
C GLY B 13 -4.21 -13.70 -4.21
N ASP B 14 -3.54 -13.50 -3.08
CA ASP B 14 -3.50 -14.50 -2.02
C ASP B 14 -4.81 -14.55 -1.25
N GLN B 15 -5.14 -15.76 -0.77
CA GLN B 15 -6.25 -15.94 0.14
C GLN B 15 -5.91 -15.34 1.51
N PHE B 16 -6.80 -14.51 2.03
CA PHE B 16 -6.62 -14.00 3.38
C PHE B 16 -6.77 -15.15 4.39
N PRO B 17 -5.99 -15.12 5.49
CA PRO B 17 -6.05 -16.24 6.44
C PRO B 17 -7.43 -16.39 7.06
N ALA B 18 -7.74 -17.63 7.43
CA ALA B 18 -8.87 -17.88 8.31
C ALA B 18 -8.57 -17.29 9.69
N TYR B 19 -9.63 -16.99 10.43
CA TYR B 19 -9.45 -16.44 11.76
C TYR B 19 -10.71 -16.64 12.58
N GLN B 20 -10.54 -16.60 13.90
CA GLN B 20 -11.65 -16.68 14.85
C GLN B 20 -11.18 -15.98 16.13
N LEU B 21 -11.64 -14.75 16.33
CA LEU B 21 -11.08 -13.91 17.39
C LEU B 21 -12.17 -13.18 18.14
N THR B 22 -11.92 -12.97 19.44
CA THR B 22 -12.75 -12.08 20.23
C THR B 22 -12.59 -10.65 19.73
N ALA B 23 -13.71 -9.94 19.65
CA ALA B 23 -13.75 -8.58 19.14
C ALA B 23 -14.62 -7.72 20.04
N LEU B 24 -14.20 -6.47 20.21
CA LEU B 24 -15.04 -5.44 20.81
C LEU B 24 -16.02 -4.93 19.76
N ILE B 25 -17.30 -4.94 20.11
CA ILE B 25 -18.34 -4.53 19.17
C ILE B 25 -18.14 -3.08 18.76
N GLY B 26 -18.57 -2.75 17.53
CA GLY B 26 -18.61 -1.37 17.11
C GLY B 26 -19.83 -0.63 17.65
N GLY B 27 -19.81 0.68 17.50
CA GLY B 27 -20.96 1.51 17.82
C GLY B 27 -20.86 2.14 19.20
N ASP B 28 -21.88 2.95 19.48
CA ASP B 28 -21.98 3.67 20.75
C ASP B 28 -21.96 2.71 21.93
N LEU B 29 -20.96 2.87 22.80
CA LEU B 29 -20.77 1.97 23.93
C LEU B 29 -21.87 2.13 24.97
N SER B 30 -22.38 3.34 25.15
CA SER B 30 -23.38 3.60 26.18
C SER B 30 -24.74 3.01 25.86
N LYS B 31 -24.98 2.58 24.63
CA LYS B 31 -26.31 2.13 24.24
C LYS B 31 -26.56 0.66 24.52
N VAL B 32 -25.53 -0.20 24.45
CA VAL B 32 -25.75 -1.61 24.71
C VAL B 32 -26.09 -1.78 26.18
N ASP B 33 -27.09 -2.62 26.46
CA ASP B 33 -27.49 -2.87 27.84
C ASP B 33 -26.36 -3.59 28.58
N ALA B 34 -26.06 -3.11 29.78
CA ALA B 34 -24.95 -3.62 30.58
C ALA B 34 -25.37 -4.75 31.51
N LYS B 35 -26.10 -5.74 31.02
CA LYS B 35 -26.54 -6.82 31.90
C LYS B 35 -25.38 -7.74 32.28
N GLN B 36 -24.43 -7.97 31.37
CA GLN B 36 -23.20 -8.66 31.73
C GLN B 36 -22.07 -8.13 30.86
N PRO B 37 -20.82 -8.24 31.32
CA PRO B 37 -19.69 -7.82 30.48
C PRO B 37 -19.67 -8.44 29.09
N GLY B 38 -20.05 -9.71 28.97
CA GLY B 38 -19.98 -10.36 27.68
C GLY B 38 -20.86 -9.75 26.62
N ASP B 39 -21.75 -8.85 27.00
CA ASP B 39 -22.56 -8.12 26.04
C ASP B 39 -21.73 -7.17 25.19
N TYR B 40 -20.55 -6.76 25.65
CA TYR B 40 -19.70 -5.86 24.88
C TYR B 40 -18.85 -6.55 23.82
N PHE B 41 -18.81 -7.87 23.80
CA PHE B 41 -17.85 -8.59 22.97
C PHE B 41 -18.55 -9.67 22.14
N THR B 42 -17.88 -10.07 21.05
CA THR B 42 -18.36 -11.22 20.27
C THR B 42 -17.17 -11.95 19.67
N THR B 43 -17.43 -13.15 19.16
CA THR B 43 -16.45 -13.86 18.35
C THR B 43 -16.72 -13.58 16.88
N ILE B 44 -15.66 -13.25 16.13
CA ILE B 44 -15.76 -12.94 14.71
C ILE B 44 -14.85 -13.92 13.97
N THR B 45 -15.37 -14.49 12.89
CA THR B 45 -14.65 -15.49 12.09
C THR B 45 -14.47 -14.98 10.67
N SER B 46 -13.55 -15.65 9.95
CA SER B 46 -13.36 -15.36 8.54
C SER B 46 -14.58 -15.70 7.70
N ASP B 47 -15.54 -16.41 8.28
CA ASP B 47 -16.79 -16.74 7.60
C ASP B 47 -17.91 -15.78 8.00
N GLU B 48 -17.57 -14.71 8.72
CA GLU B 48 -18.56 -13.86 9.35
C GLU B 48 -19.25 -12.93 8.36
N HIS B 49 -18.59 -12.59 7.26
CA HIS B 49 -19.11 -11.58 6.34
C HIS B 49 -19.16 -12.16 4.93
N PRO B 50 -20.10 -13.08 4.68
CA PRO B 50 -20.26 -13.64 3.33
C PRO B 50 -20.81 -12.62 2.35
N GLY B 51 -20.19 -12.58 1.16
CA GLY B 51 -20.63 -11.69 0.11
C GLY B 51 -20.07 -10.30 0.21
N LYS B 52 -19.39 -10.00 1.31
CA LYS B 52 -18.82 -8.69 1.56
C LYS B 52 -17.33 -8.69 1.25
N TRP B 53 -16.85 -7.54 0.81
CA TRP B 53 -15.42 -7.26 0.84
C TRP B 53 -15.03 -6.93 2.29
N ARG B 54 -13.83 -7.31 2.68
CA ARG B 54 -13.33 -7.05 4.02
C ARG B 54 -12.15 -6.08 3.94
N VAL B 55 -12.25 -4.98 4.69
CA VAL B 55 -11.17 -3.99 4.75
C VAL B 55 -10.55 -4.10 6.13
N VAL B 56 -9.33 -4.62 6.19
CA VAL B 56 -8.67 -5.00 7.44
C VAL B 56 -7.55 -4.02 7.74
N PHE B 57 -7.61 -3.39 8.91
CA PHE B 57 -6.58 -2.48 9.37
C PHE B 57 -5.84 -3.06 10.57
N PHE B 58 -4.54 -3.30 10.41
CA PHE B 58 -3.66 -3.64 11.51
C PHE B 58 -2.91 -2.40 11.98
N TRP B 59 -2.74 -2.30 13.30
CA TRP B 59 -1.82 -1.36 13.93
C TRP B 59 -1.14 -2.07 15.09
N PRO B 60 0.01 -1.56 15.54
CA PRO B 60 0.77 -2.23 16.60
C PRO B 60 0.03 -2.31 17.92
N LYS B 61 -0.37 -1.16 18.44
CA LYS B 61 -0.84 -1.04 19.81
C LYS B 61 -2.06 -0.13 19.89
N ASP B 62 -3.04 -0.53 20.69
CA ASP B 62 -4.08 0.41 21.12
C ASP B 62 -3.37 1.61 21.75
N PHE B 63 -4.10 2.72 21.88
CA PHE B 63 -3.53 3.94 22.47
C PHE B 63 -2.68 4.66 21.42
N THR B 64 -2.97 4.42 20.14
CA THR B 64 -2.22 5.05 19.07
C THR B 64 -2.68 6.49 18.87
N PHE B 65 -1.73 7.35 18.56
CA PHE B 65 -1.97 8.79 18.49
C PHE B 65 -1.41 9.38 17.20
N VAL B 66 -1.40 8.59 16.13
CA VAL B 66 -0.86 9.01 14.85
C VAL B 66 -1.64 10.20 14.31
N CYS B 67 -1.14 10.80 13.23
CA CYS B 67 -1.69 12.07 12.76
C CYS B 67 -3.16 11.97 12.41
N PRO B 68 -3.64 11.01 11.61
CA PRO B 68 -5.08 10.78 11.50
C PRO B 68 -5.66 10.38 12.85
N THR B 69 -6.80 10.97 13.28
CA THR B 69 -7.80 11.80 12.56
C THR B 69 -8.68 10.94 11.63
N GLU B 70 -8.12 9.81 11.21
CA GLU B 70 -8.85 8.84 10.40
C GLU B 70 -10.06 8.26 11.11
N ILE B 71 -10.13 8.34 12.44
CA ILE B 71 -11.18 7.63 13.14
C ILE B 71 -12.54 8.27 12.86
N ALA B 72 -12.64 9.59 12.99
CA ALA B 72 -13.88 10.28 12.65
C ALA B 72 -14.30 9.92 11.24
N ASP B 73 -13.31 9.75 10.35
CA ASP B 73 -13.60 9.36 8.99
C ASP B 73 -14.10 7.92 8.93
N PHE B 74 -13.60 7.04 9.79
CA PHE B 74 -14.25 5.74 9.89
C PHE B 74 -15.72 5.92 10.19
N SER B 75 -16.03 6.73 11.19
CA SER B 75 -17.39 6.78 11.69
C SER B 75 -18.34 7.38 10.66
N LYS B 76 -17.84 8.34 9.86
CA LYS B 76 -18.64 8.90 8.77
C LYS B 76 -18.64 8.02 7.52
N LEU B 77 -17.57 7.28 7.28
CA LEU B 77 -17.36 6.56 6.03
C LEU B 77 -17.84 5.13 6.09
N ASN B 78 -18.18 4.62 7.27
CA ASN B 78 -18.71 3.28 7.36
C ASN B 78 -19.92 3.15 6.45
N ASP B 79 -20.71 4.22 6.34
CA ASP B 79 -21.83 4.21 5.40
C ASP B 79 -21.33 4.01 3.97
N GLU B 80 -20.20 4.62 3.60
CA GLU B 80 -19.69 4.44 2.24
C GLU B 80 -19.23 3.00 2.03
N PHE B 81 -18.57 2.45 3.05
CA PHE B 81 -18.14 1.06 2.99
C PHE B 81 -19.34 0.13 2.86
N GLU B 82 -20.34 0.30 3.72
CA GLU B 82 -21.55 -0.52 3.66
C GLU B 82 -22.21 -0.37 2.30
N ASP B 83 -22.37 0.87 1.83
CA ASP B 83 -22.89 1.13 0.50
C ASP B 83 -22.13 0.34 -0.54
N ARG B 84 -20.86 0.03 -0.25
CA ARG B 84 -20.02 -0.73 -1.16
C ARG B 84 -19.84 -2.18 -0.71
N ASP B 85 -20.79 -2.70 0.08
CA ASP B 85 -20.76 -4.09 0.53
C ASP B 85 -19.43 -4.40 1.21
N ALA B 86 -18.93 -3.43 1.97
CA ALA B 86 -17.63 -3.52 2.62
C ALA B 86 -17.76 -3.47 4.14
N GLN B 87 -17.09 -4.40 4.81
CA GLN B 87 -17.06 -4.46 6.26
C GLN B 87 -15.67 -4.02 6.72
N ILE B 88 -15.63 -2.98 7.56
CA ILE B 88 -14.38 -2.53 8.16
C ILE B 88 -14.07 -3.41 9.36
N LEU B 89 -12.80 -3.79 9.50
CA LEU B 89 -12.37 -4.57 10.65
C LEU B 89 -11.01 -4.04 11.11
N GLY B 90 -10.91 -3.66 12.38
CA GLY B 90 -9.67 -3.24 12.97
C GLY B 90 -9.08 -4.32 13.86
N VAL B 91 -7.76 -4.36 13.91
CA VAL B 91 -7.03 -5.44 14.58
C VAL B 91 -5.79 -4.89 15.24
N SER B 92 -5.60 -5.25 16.51
CA SER B 92 -4.29 -5.21 17.14
C SER B 92 -4.19 -6.44 18.05
N ILE B 93 -2.99 -6.63 18.60
CA ILE B 93 -2.76 -7.74 19.53
C ILE B 93 -3.17 -7.42 20.95
N ASP B 94 -3.52 -6.17 21.25
CA ASP B 94 -4.01 -5.83 22.57
C ASP B 94 -5.28 -6.61 22.88
N SER B 95 -5.58 -6.73 24.17
CA SER B 95 -6.74 -7.47 24.63
C SER B 95 -8.03 -6.70 24.34
N GLU B 96 -9.15 -7.43 24.36
CA GLU B 96 -10.44 -6.78 24.17
C GLU B 96 -10.70 -5.75 25.25
N PHE B 97 -10.13 -5.96 26.45
CA PHE B 97 -10.26 -4.95 27.49
C PHE B 97 -9.45 -3.69 27.14
N ALA B 98 -8.33 -3.84 26.45
CA ALA B 98 -7.61 -2.67 25.96
C ALA B 98 -8.41 -1.96 24.88
N HIS B 99 -9.00 -2.72 23.95
CA HIS B 99 -9.91 -2.13 22.98
C HIS B 99 -11.03 -1.37 23.67
N PHE B 100 -11.67 -2.02 24.64
CA PHE B 100 -12.73 -1.43 25.45
C PHE B 100 -12.28 -0.13 26.09
N GLN B 101 -11.12 -0.16 26.75
CA GLN B 101 -10.57 1.03 27.41
C GLN B 101 -10.35 2.14 26.39
N TRP B 102 -9.79 1.78 25.24
CA TRP B 102 -9.53 2.75 24.19
C TRP B 102 -10.81 3.38 23.66
N ARG B 103 -11.82 2.56 23.38
CA ARG B 103 -13.06 3.05 22.78
C ARG B 103 -13.97 3.75 23.77
N ALA B 104 -13.81 3.53 25.07
CA ALA B 104 -14.77 4.08 26.01
C ALA B 104 -14.46 5.51 26.45
N GLN B 105 -13.18 5.89 26.58
CA GLN B 105 -12.86 7.19 27.15
C GLN B 105 -12.17 8.15 26.18
N HIS B 106 -11.69 7.68 25.03
CA HIS B 106 -11.29 8.58 23.96
C HIS B 106 -12.57 8.99 23.24
N ASN B 107 -13.06 10.19 23.55
CA ASN B 107 -14.38 10.62 23.06
C ASN B 107 -14.56 10.29 21.59
N ASP B 108 -13.51 10.47 20.80
CA ASP B 108 -13.61 10.22 19.37
C ASP B 108 -13.98 8.76 19.09
N LEU B 109 -13.47 7.83 19.89
CA LEU B 109 -13.68 6.41 19.64
C LEU B 109 -14.98 5.88 20.22
N LYS B 110 -15.69 6.68 21.02
CA LYS B 110 -16.90 6.21 21.68
C LYS B 110 -17.91 5.63 20.69
N THR B 111 -17.90 6.11 19.44
CA THR B 111 -18.88 5.70 18.45
C THR B 111 -18.28 4.92 17.28
N LEU B 112 -17.03 4.47 17.38
CA LEU B 112 -16.42 3.71 16.31
C LEU B 112 -17.42 2.64 15.86
N PRO B 113 -17.87 2.67 14.60
CA PRO B 113 -19.02 1.86 14.20
C PRO B 113 -18.71 0.42 13.81
N PHE B 114 -17.45 0.01 13.84
CA PHE B 114 -17.12 -1.35 13.42
C PHE B 114 -16.37 -2.06 14.54
N PRO B 115 -16.23 -3.39 14.45
CA PRO B 115 -15.67 -4.16 15.55
C PRO B 115 -14.16 -4.03 15.66
N MET B 116 -13.68 -4.29 16.89
CA MET B 116 -12.26 -4.31 17.22
C MET B 116 -11.84 -5.72 17.63
N LEU B 117 -11.04 -6.39 16.79
CA LEU B 117 -10.61 -7.76 17.06
C LEU B 117 -9.33 -7.81 17.87
N SER B 118 -9.25 -8.80 18.77
CA SER B 118 -8.08 -9.03 19.60
C SER B 118 -7.33 -10.25 19.07
N ASP B 119 -6.19 -10.02 18.42
CA ASP B 119 -5.35 -11.11 17.93
C ASP B 119 -4.26 -11.43 18.95
N ILE B 120 -4.70 -11.81 20.14
CA ILE B 120 -3.78 -11.88 21.27
C ILE B 120 -2.82 -13.06 21.12
N LYS B 121 -3.24 -14.12 20.44
CA LYS B 121 -2.32 -15.22 20.15
C LYS B 121 -1.40 -14.91 18.98
N ARG B 122 -1.58 -13.76 18.33
CA ARG B 122 -0.76 -13.36 17.19
C ARG B 122 -0.86 -14.34 16.04
N GLU B 123 -1.77 -15.31 16.10
CA GLU B 123 -1.86 -16.30 15.05
C GLU B 123 -2.29 -15.66 13.73
N LEU B 124 -3.20 -14.69 13.79
CA LEU B 124 -3.60 -14.03 12.55
C LEU B 124 -2.54 -13.05 12.05
N SER B 125 -1.99 -12.22 12.94
CA SER B 125 -0.88 -11.36 12.54
C SER B 125 0.26 -12.19 11.94
N GLN B 126 0.55 -13.33 12.56
CA GLN B 126 1.54 -14.24 12.03
C GLN B 126 1.14 -14.75 10.66
N ALA B 127 -0.10 -15.22 10.53
CA ALA B 127 -0.54 -15.85 9.29
C ALA B 127 -0.58 -14.85 8.14
N ALA B 128 -0.91 -13.59 8.42
CA ALA B 128 -0.92 -12.54 7.42
C ALA B 128 0.46 -12.01 7.11
N GLY B 129 1.46 -12.32 7.92
CA GLY B 129 2.77 -11.78 7.73
C GLY B 129 2.94 -10.39 8.29
N VAL B 130 2.12 -10.04 9.27
CA VAL B 130 2.05 -8.66 9.77
C VAL B 130 2.77 -8.49 11.09
N LEU B 131 3.07 -9.57 11.79
CA LEU B 131 3.81 -9.47 13.06
C LEU B 131 5.25 -9.05 12.79
N ASN B 132 5.73 -8.07 13.54
CA ASN B 132 7.04 -7.47 13.28
C ASN B 132 8.05 -7.90 14.35
N ALA B 133 9.28 -7.40 14.20
CA ALA B 133 10.37 -7.79 15.08
C ALA B 133 10.18 -7.30 16.49
N ASP B 134 9.34 -6.30 16.70
CA ASP B 134 8.97 -5.90 18.05
C ASP B 134 7.84 -6.76 18.60
N GLY B 135 7.30 -7.66 17.80
CA GLY B 135 6.29 -8.56 18.27
C GLY B 135 4.87 -8.10 18.09
N VAL B 136 4.62 -7.09 17.26
CA VAL B 136 3.29 -6.51 17.12
C VAL B 136 2.94 -6.40 15.65
N ALA B 137 1.66 -6.16 15.39
CA ALA B 137 1.20 -5.96 14.02
C ALA B 137 1.71 -4.64 13.47
N ASP B 138 2.28 -4.68 12.27
CA ASP B 138 2.63 -3.47 11.54
C ASP B 138 1.37 -2.73 11.09
N ARG B 139 1.55 -1.45 10.74
CA ARG B 139 0.46 -0.67 10.16
C ARG B 139 0.16 -1.13 8.75
N VAL B 140 -0.81 -2.03 8.59
CA VAL B 140 -1.07 -2.64 7.29
C VAL B 140 -2.55 -2.58 6.98
N THR B 141 -2.88 -2.33 5.72
CA THR B 141 -4.26 -2.40 5.27
C THR B 141 -4.39 -3.49 4.21
N PHE B 142 -5.46 -4.27 4.32
CA PHE B 142 -5.82 -5.25 3.32
C PHE B 142 -7.22 -4.99 2.80
N ILE B 143 -7.43 -5.23 1.52
CA ILE B 143 -8.76 -5.37 0.94
C ILE B 143 -8.91 -6.80 0.45
N VAL B 144 -9.97 -7.47 0.87
CA VAL B 144 -10.22 -8.86 0.53
C VAL B 144 -11.58 -8.94 -0.15
N ASP B 145 -11.63 -9.59 -1.30
CA ASP B 145 -12.87 -9.67 -2.07
C ASP B 145 -13.78 -10.76 -1.51
N PRO B 146 -15.04 -10.81 -1.98
CA PRO B 146 -15.99 -11.81 -1.47
C PRO B 146 -15.52 -13.24 -1.67
N ASN B 147 -14.52 -13.46 -2.51
CA ASN B 147 -13.92 -14.78 -2.69
C ASN B 147 -12.74 -14.99 -1.74
N ASN B 148 -12.54 -14.08 -0.79
CA ASN B 148 -11.49 -14.14 0.21
C ASN B 148 -10.11 -13.87 -0.38
N GLU B 149 -10.06 -13.22 -1.55
CA GLU B 149 -8.82 -12.98 -2.25
C GLU B 149 -8.38 -11.54 -2.02
N ILE B 150 -7.10 -11.36 -1.68
CA ILE B 150 -6.58 -10.03 -1.45
C ILE B 150 -6.44 -9.30 -2.79
N GLN B 151 -7.01 -8.10 -2.85
CA GLN B 151 -6.92 -7.25 -4.02
C GLN B 151 -6.07 -6.02 -3.76
N PHE B 152 -5.69 -5.77 -2.51
CA PHE B 152 -4.85 -4.63 -2.18
C PHE B 152 -4.25 -4.84 -0.80
N VAL B 153 -2.99 -4.48 -0.65
CA VAL B 153 -2.32 -4.46 0.64
C VAL B 153 -1.41 -3.24 0.71
N SER B 154 -1.38 -2.62 1.88
CA SER B 154 -0.54 -1.46 2.12
C SER B 154 0.07 -1.59 3.51
N ALA B 155 1.37 -1.36 3.60
CA ALA B 155 2.08 -1.48 4.87
C ALA B 155 2.94 -0.24 5.05
N THR B 156 3.01 0.24 6.29
CA THR B 156 3.74 1.47 6.58
C THR B 156 4.57 1.32 7.83
N ALA B 157 5.76 1.92 7.79
CA ALA B 157 6.69 1.92 8.91
C ALA B 157 6.29 2.93 9.97
N GLY B 158 6.86 2.74 11.16
CA GLY B 158 6.93 3.82 12.13
C GLY B 158 5.58 4.25 12.61
N SER B 159 5.35 5.57 12.58
CA SER B 159 4.14 6.19 13.08
C SER B 159 3.53 7.08 12.01
N VAL B 160 3.45 6.55 10.79
CA VAL B 160 2.80 7.23 9.68
C VAL B 160 1.31 6.94 9.69
N GLY B 161 0.51 7.99 9.63
CA GLY B 161 -0.93 7.83 9.56
C GLY B 161 -1.42 7.28 8.23
N ARG B 162 -2.54 6.55 8.31
CA ARG B 162 -3.19 5.98 7.14
C ARG B 162 -4.13 6.99 6.47
N ASN B 163 -4.24 6.88 5.13
CA ASN B 163 -5.15 7.70 4.34
C ASN B 163 -6.36 6.85 3.92
N VAL B 164 -7.49 7.05 4.59
CA VAL B 164 -8.67 6.24 4.30
C VAL B 164 -9.34 6.63 2.97
N ASP B 165 -9.33 7.92 2.61
CA ASP B 165 -10.00 8.33 1.36
C ASP B 165 -9.36 7.65 0.17
N GLU B 166 -8.03 7.55 0.18
CA GLU B 166 -7.32 6.78 -0.83
C GLU B 166 -7.87 5.37 -0.89
N VAL B 167 -8.14 4.77 0.27
CA VAL B 167 -8.63 3.40 0.30
C VAL B 167 -10.03 3.32 -0.31
N LEU B 168 -10.87 4.31 -0.03
CA LEU B 168 -12.18 4.34 -0.68
C LEU B 168 -12.03 4.38 -2.20
N ARG B 169 -11.17 5.26 -2.69
CA ARG B 169 -10.92 5.32 -4.13
C ARG B 169 -10.47 3.97 -4.66
N VAL B 170 -9.50 3.34 -3.99
CA VAL B 170 -8.99 2.05 -4.46
C VAL B 170 -10.11 1.03 -4.51
N LEU B 171 -10.90 0.95 -3.44
CA LEU B 171 -12.03 0.03 -3.41
C LEU B 171 -12.99 0.29 -4.56
N ASP B 172 -13.40 1.55 -4.72
CA ASP B 172 -14.32 1.91 -5.79
C ASP B 172 -13.78 1.51 -7.16
N ALA B 173 -12.51 1.82 -7.41
CA ALA B 173 -11.91 1.45 -8.68
C ALA B 173 -11.89 -0.07 -8.86
N LEU B 174 -11.63 -0.79 -7.77
CA LEU B 174 -11.64 -2.25 -7.82
C LEU B 174 -13.04 -2.80 -8.13
N GLN B 175 -14.06 -2.15 -7.60
CA GLN B 175 -15.43 -2.62 -7.75
C GLN B 175 -16.15 -2.09 -8.99
N SER B 176 -15.63 -1.07 -9.66
CA SER B 176 -16.33 -0.43 -10.75
C SER B 176 -15.57 -0.43 -12.07
N ASP B 177 -14.31 -0.84 -12.07
CA ASP B 177 -13.48 -0.79 -13.27
C ASP B 177 -13.34 0.65 -13.78
N GLU B 178 -13.35 1.60 -12.86
CA GLU B 178 -12.96 2.97 -13.19
C GLU B 178 -11.45 3.00 -13.39
N LEU B 179 -11.01 3.76 -14.39
CA LEU B 179 -9.62 3.69 -14.83
C LEU B 179 -8.73 4.76 -14.25
N CYS B 180 -9.28 5.91 -13.87
CA CYS B 180 -8.49 7.09 -13.57
C CYS B 180 -8.61 7.44 -12.09
N ALA B 181 -7.46 7.77 -11.49
CA ALA B 181 -7.46 8.31 -10.14
C ALA B 181 -8.23 9.62 -10.06
N SER B 182 -8.47 10.29 -11.19
CA SER B 182 -9.02 11.64 -11.17
C SER B 182 -10.55 11.66 -11.11
N ASN B 183 -11.23 10.57 -11.42
CA ASN B 183 -12.69 10.60 -11.46
C ASN B 183 -13.34 10.49 -10.09
N TRP B 184 -12.60 10.12 -9.06
CA TRP B 184 -13.20 9.94 -7.74
C TRP B 184 -13.49 11.29 -7.09
N ARG B 185 -14.75 11.51 -6.74
CA ARG B 185 -15.17 12.70 -5.99
C ARG B 185 -16.53 12.46 -5.34
#